data_4F02
#
_entry.id   4F02
#
_cell.length_a   130.191
_cell.length_b   130.191
_cell.length_c   86.872
_cell.angle_alpha   90.00
_cell.angle_beta   90.00
_cell.angle_gamma   90.00
#
_symmetry.space_group_name_H-M   'P 4 21 2'
#
loop_
_entity.id
_entity.type
_entity.pdbx_description
1 polymer 'Polyadenylate-binding protein 1'
2 polymer "RNA (5'-R(*AP*AP*AP*AP*AP*AP*AP*AP*AP*AP*A)-3')"
3 polymer 'Eukaryotic translation initiation factor 4 gamma 1'
4 water water
#
loop_
_entity_poly.entity_id
_entity_poly.type
_entity_poly.pdbx_seq_one_letter_code
_entity_poly.pdbx_strand_id
1 'polypeptide(L)'
;GPLGSMNPSAPSYPMASLYVGDLHPDVTEAMLYEKFSPAGPILSIRVCRDMITRRSLGYAYVNFQQPADAERALDTMNFD
VIKGKPVRIMWSQRDPSLRKSGVGNIFIKNLDKSIDNKALYDTFSAFGNILSCKVVCDENGSKGYGFVHFETQEAAERAI
EKMNGMLLNDRKVFVGRFKSRKEREAELGARAKEFYPYDVPDYAGSSGRIVTD
;
A,D
2 'polyribonucleotide' AAAAAAAAAAA B,E
3 'polypeptide(L)' KTIRIRDPNQGGKDITEEIMSGARTAY C,F
#
loop_
_chem_comp.id
_chem_comp.type
_chem_comp.name
_chem_comp.formula
A RNA linking ADENOSINE-5'-MONOPHOSPHATE 'C10 H14 N5 O7 P'
#
# COMPACT_ATOMS: atom_id res chain seq x y z
N MET A 15 -3.20 -14.40 26.83
CA MET A 15 -3.24 -13.15 25.99
C MET A 15 -2.33 -12.07 26.57
N ALA A 16 -1.12 -11.93 26.03
CA ALA A 16 -0.16 -10.95 26.56
C ALA A 16 0.62 -10.23 25.46
N SER A 17 0.03 -10.18 24.26
CA SER A 17 0.67 -9.52 23.10
C SER A 17 0.02 -8.20 22.76
N LEU A 18 0.82 -7.16 22.73
CA LEU A 18 0.37 -5.84 22.31
C LEU A 18 0.86 -5.48 20.91
N TYR A 19 0.00 -4.85 20.13
CA TYR A 19 0.41 -4.11 18.94
C TYR A 19 0.79 -2.69 19.39
N VAL A 20 1.95 -2.22 18.94
CA VAL A 20 2.40 -0.88 19.28
C VAL A 20 2.62 -0.18 17.93
N GLY A 21 1.70 0.71 17.55
CA GLY A 21 1.80 1.36 16.21
C GLY A 21 2.03 2.86 16.24
N ASP A 22 1.96 3.47 15.04
CA ASP A 22 2.23 4.89 14.79
C ASP A 22 3.68 5.20 15.20
N LEU A 23 4.58 4.24 14.98
CA LEU A 23 6.00 4.41 15.37
C LEU A 23 6.74 5.24 14.36
N HIS A 24 7.63 6.11 14.84
CA HIS A 24 8.62 6.75 13.96
C HIS A 24 9.41 5.65 13.21
N PRO A 25 9.75 5.88 11.93
CA PRO A 25 10.47 4.86 11.15
C PRO A 25 11.77 4.39 11.82
N ASP A 26 12.36 5.22 12.68
CA ASP A 26 13.67 4.86 13.24
C ASP A 26 13.57 4.24 14.66
N VAL A 27 12.35 3.97 15.08
CA VAL A 27 12.19 3.30 16.39
C VAL A 27 12.66 1.85 16.27
N THR A 28 13.56 1.43 17.17
CA THR A 28 14.08 0.08 17.15
C THR A 28 13.43 -0.77 18.25
N GLU A 29 13.68 -2.07 18.18
CA GLU A 29 13.36 -3.03 19.20
C GLU A 29 13.95 -2.66 20.59
N ALA A 30 15.16 -2.15 20.59
CA ALA A 30 15.84 -1.77 21.83
C ALA A 30 15.09 -0.61 22.49
N MET A 31 14.68 0.37 21.70
CA MET A 31 13.97 1.53 22.23
C MET A 31 12.67 1.08 22.86
N LEU A 32 12.02 0.12 22.20
CA LEU A 32 10.75 -0.38 22.69
C LEU A 32 10.96 -1.17 23.99
N TYR A 33 11.99 -1.99 24.06
CA TYR A 33 12.31 -2.69 25.33
C TYR A 33 12.52 -1.66 26.43
N GLU A 34 13.31 -0.62 26.17
CA GLU A 34 13.60 0.36 27.22
C GLU A 34 12.29 1.03 27.73
N LYS A 35 11.38 1.26 26.80
CA LYS A 35 10.13 1.91 27.10
C LYS A 35 9.23 0.97 27.90
N PHE A 36 9.11 -0.29 27.45
CA PHE A 36 8.09 -1.20 27.98
C PHE A 36 8.53 -2.04 29.15
N SER A 37 9.83 -2.29 29.20
CA SER A 37 10.45 -3.06 30.29
C SER A 37 9.96 -2.73 31.75
N PRO A 38 9.82 -1.44 32.13
CA PRO A 38 9.34 -1.15 33.53
C PRO A 38 7.96 -1.73 33.86
N ALA A 39 7.15 -2.06 32.84
CA ALA A 39 5.82 -2.66 33.16
C ALA A 39 5.89 -4.12 33.61
N GLY A 40 7.02 -4.79 33.35
CA GLY A 40 7.24 -6.17 33.77
C GLY A 40 8.08 -6.97 32.76
N PRO A 41 8.38 -8.25 33.08
CA PRO A 41 9.34 -8.97 32.22
C PRO A 41 8.77 -9.27 30.85
N ILE A 42 9.65 -9.15 29.86
CA ILE A 42 9.24 -9.18 28.49
C ILE A 42 9.58 -10.55 27.94
N LEU A 43 8.70 -11.11 27.12
CA LEU A 43 8.96 -12.34 26.43
C LEU A 43 9.73 -12.05 25.13
N SER A 44 9.20 -11.15 24.27
CA SER A 44 9.91 -10.80 23.03
C SER A 44 9.28 -9.52 22.46
N ILE A 45 10.02 -8.86 21.55
CA ILE A 45 9.60 -7.64 20.93
C ILE A 45 10.05 -7.72 19.47
N ARG A 46 9.16 -7.41 18.53
CA ARG A 46 9.52 -7.47 17.10
C ARG A 46 8.99 -6.22 16.44
N VAL A 47 9.88 -5.44 15.80
CA VAL A 47 9.44 -4.32 14.97
C VAL A 47 9.22 -4.93 13.59
N CYS A 48 8.04 -4.72 12.98
CA CYS A 48 7.77 -5.37 11.69
C CYS A 48 8.36 -4.54 10.57
N ARG A 49 9.02 -5.22 9.63
CA ARG A 49 9.79 -4.54 8.58
C ARG A 49 9.45 -5.07 7.20
N ASP A 50 9.71 -4.25 6.18
CA ASP A 50 9.59 -4.70 4.81
C ASP A 50 10.64 -5.80 4.59
N MET A 51 10.28 -6.84 3.86
CA MET A 51 11.07 -8.05 3.87
C MET A 51 12.50 -7.83 3.41
N ILE A 52 12.69 -7.14 2.29
CA ILE A 52 14.05 -6.96 1.72
C ILE A 52 14.68 -5.61 2.11
N THR A 53 13.94 -4.50 1.98
CA THR A 53 14.53 -3.17 2.21
C THR A 53 14.72 -2.91 3.72
N ARG A 54 13.96 -3.66 4.52
CA ARG A 54 14.01 -3.62 6.00
C ARG A 54 13.40 -2.34 6.56
N ARG A 55 12.72 -1.57 5.73
CA ARG A 55 12.13 -0.31 6.13
C ARG A 55 11.08 -0.68 7.19
N SER A 56 11.06 0.03 8.30
CA SER A 56 10.03 -0.24 9.30
C SER A 56 8.63 -0.11 8.74
N LEU A 57 7.74 -1.05 9.08
CA LEU A 57 6.30 -0.88 8.73
C LEU A 57 5.53 0.01 9.72
N GLY A 58 6.22 0.63 10.67
CA GLY A 58 5.59 1.64 11.54
C GLY A 58 4.87 1.04 12.74
N TYR A 59 5.12 -0.25 12.99
CA TYR A 59 4.50 -0.91 14.15
C TYR A 59 5.30 -2.09 14.65
N ALA A 60 4.95 -2.54 15.86
CA ALA A 60 5.72 -3.61 16.49
C ALA A 60 4.77 -4.46 17.36
N TYR A 61 5.25 -5.65 17.74
CA TYR A 61 4.65 -6.49 18.71
C TYR A 61 5.55 -6.49 19.93
N VAL A 62 4.91 -6.30 21.06
CA VAL A 62 5.55 -6.37 22.38
C VAL A 62 4.82 -7.43 23.18
N ASN A 63 5.54 -8.50 23.54
CA ASN A 63 4.90 -9.65 24.21
C ASN A 63 5.46 -9.68 25.61
N PHE A 64 4.58 -9.55 26.57
CA PHE A 64 4.92 -9.70 27.99
C PHE A 64 4.79 -11.13 28.47
N GLN A 65 5.53 -11.47 29.50
CA GLN A 65 5.37 -12.80 30.10
C GLN A 65 4.03 -12.91 30.78
N GLN A 66 3.53 -11.80 31.33
CA GLN A 66 2.29 -11.85 32.12
C GLN A 66 1.21 -11.00 31.51
N PRO A 67 0.04 -11.58 31.26
CA PRO A 67 -1.07 -10.73 30.79
C PRO A 67 -1.33 -9.45 31.62
N ALA A 68 -1.23 -9.52 32.95
CA ALA A 68 -1.44 -8.34 33.82
C ALA A 68 -0.42 -7.24 33.48
N ASP A 69 0.78 -7.66 33.11
CA ASP A 69 1.81 -6.68 32.75
C ASP A 69 1.53 -6.00 31.44
N ALA A 70 1.10 -6.77 30.44
CA ALA A 70 0.62 -6.21 29.15
C ALA A 70 -0.55 -5.23 29.40
N GLU A 71 -1.49 -5.57 30.27
CA GLU A 71 -2.61 -4.65 30.52
C GLU A 71 -2.10 -3.33 31.15
N ARG A 72 -1.26 -3.45 32.18
CA ARG A 72 -0.64 -2.28 32.81
C ARG A 72 0.02 -1.36 31.77
N ALA A 73 0.81 -1.95 30.85
CA ALA A 73 1.48 -1.16 29.84
C ALA A 73 0.48 -0.43 28.91
N LEU A 74 -0.52 -1.17 28.43
CA LEU A 74 -1.58 -0.60 27.61
C LEU A 74 -2.28 0.55 28.39
N ASP A 75 -2.57 0.31 29.66
CA ASP A 75 -3.34 1.28 30.48
C ASP A 75 -2.54 2.52 30.84
N THR A 76 -1.25 2.35 30.89
CA THR A 76 -0.35 3.31 31.48
C THR A 76 0.58 4.02 30.48
N MET A 77 0.90 3.39 29.36
CA MET A 77 1.93 3.92 28.46
C MET A 77 1.36 4.32 27.10
N ASN A 78 0.06 4.18 26.90
CA ASN A 78 -0.55 4.52 25.62
C ASN A 78 -0.35 6.03 25.31
N PHE A 79 -0.07 6.35 24.05
CA PHE A 79 0.25 7.70 23.58
C PHE A 79 1.50 8.33 24.15
N ASP A 80 2.34 7.57 24.83
CA ASP A 80 3.61 8.14 25.25
C ASP A 80 4.48 8.39 24.00
N VAL A 81 5.35 9.39 24.04
CA VAL A 81 6.14 9.76 22.88
C VAL A 81 7.40 8.90 22.79
N ILE A 82 7.65 8.30 21.63
CA ILE A 82 9.00 7.76 21.35
C ILE A 82 9.44 8.40 20.05
N LYS A 83 10.72 8.77 20.01
CA LYS A 83 11.32 9.62 18.96
C LYS A 83 10.38 10.69 18.43
N GLY A 84 9.75 11.44 19.33
CA GLY A 84 8.88 12.56 18.90
C GLY A 84 7.46 12.24 18.44
N LYS A 85 7.04 10.97 18.47
CA LYS A 85 5.71 10.57 18.02
C LYS A 85 5.00 9.73 19.05
N PRO A 86 3.72 10.02 19.31
CA PRO A 86 3.00 9.22 20.30
C PRO A 86 2.65 7.84 19.75
N VAL A 87 2.97 6.80 20.51
CA VAL A 87 2.65 5.43 20.13
C VAL A 87 1.17 5.19 20.36
N ARG A 88 0.60 4.26 19.61
CA ARG A 88 -0.77 3.88 19.79
C ARG A 88 -0.77 2.38 20.05
N ILE A 89 -1.17 2.01 21.26
CA ILE A 89 -1.12 0.58 21.68
C ILE A 89 -2.50 -0.04 21.59
N MET A 90 -2.56 -1.30 21.10
CA MET A 90 -3.81 -2.09 21.12
C MET A 90 -3.43 -3.49 21.59
N TRP A 91 -4.38 -4.25 22.07
CA TRP A 91 -4.22 -5.71 22.04
C TRP A 91 -4.03 -6.19 20.60
N SER A 92 -3.16 -7.17 20.41
CA SER A 92 -2.89 -7.63 19.04
C SER A 92 -4.18 -8.24 18.50
N GLN A 93 -4.53 -7.87 17.29
CA GLN A 93 -5.61 -8.45 16.56
C GLN A 93 -5.20 -8.37 15.08
N ARG A 94 -4.65 -9.47 14.59
CA ARG A 94 -4.06 -9.49 13.24
C ARG A 94 -5.15 -9.56 12.18
N ASP A 95 -6.37 -9.95 12.58
CA ASP A 95 -7.46 -9.99 11.60
C ASP A 95 -8.00 -8.54 11.49
N PRO A 96 -7.88 -7.90 10.27
CA PRO A 96 -8.32 -6.49 10.13
C PRO A 96 -9.84 -6.32 9.88
N SER A 97 -10.65 -7.37 9.99
CA SER A 97 -12.05 -7.23 9.61
C SER A 97 -12.81 -6.13 10.39
N LEU A 98 -12.48 -5.94 11.65
CA LEU A 98 -13.19 -4.91 12.43
C LEU A 98 -12.68 -3.51 12.06
N ARG A 99 -11.38 -3.40 11.87
CA ARG A 99 -10.85 -2.15 11.35
C ARG A 99 -11.49 -1.82 10.00
N LYS A 100 -11.65 -2.82 9.15
CA LYS A 100 -12.27 -2.60 7.83
C LYS A 100 -13.75 -2.24 7.92
N SER A 101 -14.50 -2.96 8.75
CA SER A 101 -15.95 -2.73 8.81
C SER A 101 -16.28 -1.38 9.49
N GLY A 102 -15.45 -0.97 10.45
CA GLY A 102 -15.68 0.29 11.13
C GLY A 102 -16.87 0.17 12.09
N VAL A 103 -17.31 -1.05 12.40
CA VAL A 103 -18.51 -1.21 13.28
C VAL A 103 -18.08 -0.83 14.70
N GLY A 104 -18.72 0.18 15.27
CA GLY A 104 -18.30 0.71 16.58
C GLY A 104 -17.30 1.85 16.48
N ASN A 105 -16.86 2.19 15.26
CA ASN A 105 -15.82 3.20 15.07
C ASN A 105 -16.47 4.55 14.80
N ILE A 106 -15.99 5.58 15.49
CA ILE A 106 -16.61 6.93 15.41
C ILE A 106 -15.61 7.96 15.00
N PHE A 107 -16.14 9.05 14.45
CA PHE A 107 -15.33 10.11 13.91
C PHE A 107 -15.71 11.36 14.68
N ILE A 108 -14.71 12.17 15.04
CA ILE A 108 -14.94 13.43 15.78
C ILE A 108 -14.21 14.54 15.04
N LYS A 109 -14.85 15.69 14.94
CA LYS A 109 -14.39 16.78 14.15
C LYS A 109 -14.60 18.09 14.94
N ASN A 110 -13.82 19.12 14.60
CA ASN A 110 -13.76 20.41 15.28
C ASN A 110 -13.25 20.31 16.73
N LEU A 111 -12.27 19.43 16.93
CA LEU A 111 -11.60 19.25 18.20
C LEU A 111 -10.64 20.37 18.44
N ASP A 112 -10.83 21.08 19.55
CA ASP A 112 -9.91 22.14 19.91
C ASP A 112 -8.49 21.59 19.97
N LYS A 113 -7.52 22.39 19.56
CA LYS A 113 -6.12 21.93 19.47
C LYS A 113 -5.46 21.65 20.83
N SER A 114 -6.08 22.12 21.92
CA SER A 114 -5.66 21.74 23.27
C SER A 114 -5.93 20.27 23.59
N ILE A 115 -6.75 19.58 22.79
CA ILE A 115 -7.09 18.20 23.10
C ILE A 115 -6.09 17.25 22.47
N ASP A 116 -5.45 16.45 23.32
CA ASP A 116 -4.54 15.43 22.82
C ASP A 116 -5.14 14.02 22.93
N ASN A 117 -4.37 13.03 22.43
CA ASN A 117 -4.77 11.62 22.45
C ASN A 117 -5.25 11.13 23.79
N LYS A 118 -4.43 11.33 24.84
CA LYS A 118 -4.75 10.84 26.18
C LYS A 118 -6.07 11.48 26.66
N ALA A 119 -6.23 12.78 26.45
CA ALA A 119 -7.46 13.48 26.87
C ALA A 119 -8.68 12.91 26.12
N LEU A 120 -8.53 12.69 24.81
CA LEU A 120 -9.63 12.16 24.03
C LEU A 120 -10.00 10.75 24.55
N TYR A 121 -8.98 9.91 24.76
CA TYR A 121 -9.18 8.59 25.33
C TYR A 121 -9.92 8.62 26.68
N ASP A 122 -9.46 9.48 27.60
CA ASP A 122 -10.00 9.53 28.98
C ASP A 122 -11.47 9.92 28.94
N THR A 123 -11.79 10.88 28.09
CA THR A 123 -13.18 11.32 27.97
C THR A 123 -14.06 10.24 27.35
N PHE A 124 -13.65 9.69 26.21
CA PHE A 124 -14.54 8.77 25.52
C PHE A 124 -14.67 7.38 26.17
N SER A 125 -13.71 7.05 27.03
CA SER A 125 -13.69 5.71 27.60
C SER A 125 -14.83 5.56 28.64
N ALA A 126 -15.46 6.68 29.00
CA ALA A 126 -16.63 6.71 29.87
C ALA A 126 -17.76 5.94 29.20
N PHE A 127 -17.77 5.93 27.86
CA PHE A 127 -18.84 5.27 27.12
C PHE A 127 -18.68 3.76 27.02
N GLY A 128 -17.44 3.28 27.13
CA GLY A 128 -17.17 1.87 26.90
C GLY A 128 -15.73 1.64 26.64
N ASN A 129 -15.35 0.37 26.59
CA ASN A 129 -14.02 -0.04 26.30
C ASN A 129 -13.60 0.36 24.85
N ILE A 130 -12.43 0.98 24.73
CA ILE A 130 -11.95 1.50 23.47
C ILE A 130 -10.90 0.52 22.95
N LEU A 131 -11.07 0.09 21.70
CA LEU A 131 -10.01 -0.71 21.02
C LEU A 131 -8.88 0.16 20.53
N SER A 132 -9.23 1.33 20.00
CA SER A 132 -8.22 2.21 19.43
C SER A 132 -8.76 3.59 19.25
N CYS A 133 -7.98 4.59 19.67
CA CYS A 133 -8.35 5.95 19.32
C CYS A 133 -7.14 6.81 19.03
N LYS A 134 -7.40 7.93 18.35
CA LYS A 134 -6.33 8.69 17.70
C LYS A 134 -6.87 10.12 17.42
N VAL A 135 -6.12 11.15 17.80
CA VAL A 135 -6.32 12.49 17.30
C VAL A 135 -5.34 12.60 16.15
N VAL A 136 -5.77 13.02 14.96
CA VAL A 136 -4.75 13.18 13.92
C VAL A 136 -3.92 14.46 14.00
N CYS A 137 -2.62 14.29 13.79
CA CYS A 137 -1.65 15.36 13.97
C CYS A 137 -0.79 15.49 12.74
N ASP A 138 -0.26 16.70 12.52
CA ASP A 138 0.81 16.94 11.56
C ASP A 138 1.89 17.81 12.23
N GLU A 139 2.78 18.37 11.40
CA GLU A 139 3.86 19.28 11.84
C GLU A 139 3.39 20.33 12.86
N ASN A 140 2.25 20.96 12.57
CA ASN A 140 1.62 21.95 13.46
C ASN A 140 0.82 21.40 14.66
N GLY A 141 0.77 20.08 14.82
CA GLY A 141 0.05 19.47 15.93
C GLY A 141 -1.30 18.93 15.47
N SER A 142 -2.27 18.90 16.37
CA SER A 142 -3.60 18.36 16.08
C SER A 142 -4.21 19.02 14.85
N LYS A 143 -4.69 18.20 13.91
CA LYS A 143 -5.46 18.69 12.78
C LYS A 143 -6.93 18.90 13.17
N GLY A 144 -7.25 18.61 14.42
CA GLY A 144 -8.57 18.93 14.97
C GLY A 144 -9.64 17.89 14.65
N TYR A 145 -9.22 16.67 14.28
CA TYR A 145 -10.18 15.58 14.13
C TYR A 145 -9.56 14.28 14.57
N GLY A 146 -10.41 13.31 14.86
CA GLY A 146 -9.92 11.99 15.31
C GLY A 146 -10.96 10.90 15.27
N PHE A 147 -10.60 9.73 15.80
CA PHE A 147 -11.43 8.55 15.69
C PHE A 147 -11.46 7.81 17.04
N VAL A 148 -12.55 7.12 17.33
CA VAL A 148 -12.53 6.26 18.52
C VAL A 148 -13.27 5.00 18.16
N HIS A 149 -12.61 3.86 18.30
CA HIS A 149 -13.23 2.60 17.91
C HIS A 149 -13.55 1.87 19.20
N PHE A 150 -14.84 1.74 19.49
CA PHE A 150 -15.34 1.06 20.67
C PHE A 150 -15.46 -0.43 20.39
N GLU A 151 -15.26 -1.23 21.44
CA GLU A 151 -15.45 -2.66 21.35
C GLU A 151 -16.88 -3.01 20.96
N THR A 152 -17.88 -2.26 21.46
CA THR A 152 -19.27 -2.59 21.14
C THR A 152 -19.91 -1.49 20.34
N GLN A 153 -20.86 -1.86 19.49
CA GLN A 153 -21.50 -0.80 18.75
C GLN A 153 -22.49 0.02 19.60
N GLU A 154 -22.99 -0.57 20.69
CA GLU A 154 -23.86 0.17 21.62
C GLU A 154 -23.09 1.29 22.28
N ALA A 155 -21.83 1.01 22.65
CA ALA A 155 -20.97 2.05 23.23
C ALA A 155 -20.77 3.20 22.23
N ALA A 156 -20.41 2.89 20.98
CA ALA A 156 -20.32 3.92 19.93
C ALA A 156 -21.61 4.76 19.80
N GLU A 157 -22.75 4.09 19.78
CA GLU A 157 -24.03 4.79 19.61
C GLU A 157 -24.28 5.75 20.79
N ARG A 158 -23.96 5.33 22.00
CA ARG A 158 -24.18 6.20 23.19
C ARG A 158 -23.25 7.40 23.08
N ALA A 159 -21.98 7.13 22.83
CA ALA A 159 -20.98 8.17 22.58
C ALA A 159 -21.42 9.22 21.56
N ILE A 160 -21.95 8.78 20.42
CA ILE A 160 -22.46 9.73 19.42
C ILE A 160 -23.68 10.53 19.91
N GLU A 161 -24.65 9.83 20.49
CA GLU A 161 -25.88 10.46 20.94
C GLU A 161 -25.57 11.53 21.99
N LYS A 162 -24.64 11.20 22.89
CA LYS A 162 -24.28 12.07 24.00
C LYS A 162 -23.36 13.23 23.60
N MET A 163 -22.39 12.99 22.72
CA MET A 163 -21.33 13.95 22.51
C MET A 163 -21.45 14.83 21.28
N ASN A 164 -22.30 14.41 20.32
CA ASN A 164 -22.47 15.23 19.12
C ASN A 164 -23.13 16.57 19.41
N GLY A 165 -22.48 17.64 18.94
CA GLY A 165 -22.98 19.00 19.14
C GLY A 165 -22.59 19.58 20.48
N MET A 166 -21.74 18.87 21.23
CA MET A 166 -21.33 19.37 22.56
C MET A 166 -20.10 20.25 22.39
N LEU A 167 -19.89 21.15 23.34
CA LEU A 167 -18.66 21.96 23.40
C LEU A 167 -17.58 21.24 24.19
N LEU A 168 -16.45 20.97 23.53
CA LEU A 168 -15.30 20.33 24.14
C LEU A 168 -14.20 21.35 24.24
N ASN A 169 -13.80 21.70 25.47
CA ASN A 169 -12.92 22.86 25.74
C ASN A 169 -13.31 24.06 24.91
N ASP A 170 -14.61 24.38 24.94
CA ASP A 170 -15.16 25.60 24.38
C ASP A 170 -15.33 25.62 22.86
N ARG A 171 -15.11 24.48 22.19
CA ARG A 171 -15.28 24.42 20.75
C ARG A 171 -16.28 23.31 20.40
N LYS A 172 -17.28 23.62 19.60
CA LYS A 172 -18.35 22.67 19.26
C LYS A 172 -17.89 21.53 18.35
N VAL A 173 -18.11 20.28 18.79
CA VAL A 173 -17.69 19.11 17.98
C VAL A 173 -18.84 18.46 17.21
N PHE A 174 -18.50 17.91 16.04
CA PHE A 174 -19.33 16.88 15.43
C PHE A 174 -18.85 15.50 15.84
N VAL A 175 -19.80 14.63 16.20
CA VAL A 175 -19.51 13.21 16.45
C VAL A 175 -20.49 12.36 15.67
N GLY A 176 -19.98 11.36 14.95
CA GLY A 176 -20.83 10.55 14.07
C GLY A 176 -20.08 9.26 13.71
N ARG A 177 -20.81 8.31 13.11
CA ARG A 177 -20.20 7.03 12.72
C ARG A 177 -19.07 7.33 11.72
N PHE A 178 -17.99 6.61 11.87
CA PHE A 178 -16.87 6.77 10.97
C PHE A 178 -17.32 6.35 9.56
N LYS A 179 -16.83 7.08 8.56
CA LYS A 179 -17.10 6.71 7.18
C LYS A 179 -15.78 6.73 6.40
N SER A 180 -15.51 5.65 5.69
CA SER A 180 -14.27 5.54 4.90
C SER A 180 -14.28 6.59 3.80
N ARG A 181 -13.11 6.81 3.19
CA ARG A 181 -12.98 7.85 2.19
C ARG A 181 -13.94 7.59 1.02
N LYS A 182 -14.04 6.34 0.58
CA LYS A 182 -14.88 5.99 -0.60
C LYS A 182 -16.34 6.23 -0.30
N GLU A 183 -16.73 5.84 0.92
CA GLU A 183 -18.11 5.92 1.36
C GLU A 183 -18.54 7.37 1.52
N ARG A 184 -17.63 8.16 2.06
CA ARG A 184 -17.84 9.58 2.21
C ARG A 184 -17.86 10.30 0.85
N GLU A 185 -16.93 10.00 -0.04
CA GLU A 185 -17.01 10.69 -1.32
C GLU A 185 -18.25 10.28 -2.12
N ALA A 186 -18.75 9.05 -1.90
CA ALA A 186 -20.03 8.65 -2.47
C ALA A 186 -21.15 9.56 -1.99
N GLU A 187 -21.28 9.69 -0.67
CA GLU A 187 -22.41 10.43 -0.13
C GLU A 187 -22.34 11.93 -0.38
N LEU A 188 -21.13 12.45 -0.58
CA LEU A 188 -21.00 13.88 -0.87
C LEU A 188 -21.18 14.19 -2.35
N GLY A 189 -20.84 13.22 -3.21
CA GLY A 189 -20.94 13.36 -4.65
C GLY A 189 -19.87 14.23 -5.29
N THR C 2 -9.77 16.29 32.70
CA THR C 2 -9.18 17.29 31.75
C THR C 2 -10.15 17.91 30.72
N ILE C 3 -10.61 17.20 29.68
CA ILE C 3 -11.51 17.85 28.70
C ILE C 3 -12.80 18.34 29.38
N ARG C 4 -13.15 19.61 29.13
CA ARG C 4 -14.37 20.18 29.71
C ARG C 4 -15.54 20.09 28.76
N ILE C 5 -16.62 19.44 29.19
CA ILE C 5 -17.78 19.27 28.32
C ILE C 5 -18.87 20.26 28.70
N ARG C 6 -19.21 21.14 27.75
CA ARG C 6 -20.37 22.04 27.87
C ARG C 6 -21.50 21.81 26.83
N ASP C 7 -22.73 21.93 27.32
CA ASP C 7 -23.94 21.64 26.56
C ASP C 7 -24.64 22.91 26.05
N PRO C 8 -24.61 23.16 24.72
CA PRO C 8 -25.18 24.38 24.14
C PRO C 8 -26.68 24.46 24.33
N ASN C 9 -27.37 23.32 24.44
CA ASN C 9 -28.80 23.41 24.65
C ASN C 9 -29.20 23.48 26.12
N GLN C 10 -28.20 23.59 27.01
CA GLN C 10 -28.46 23.96 28.40
C GLN C 10 -27.74 25.26 28.77
N GLY C 11 -27.84 26.30 27.89
CA GLY C 11 -27.06 27.54 28.06
C GLY C 11 -25.54 27.39 28.20
N GLY C 12 -24.98 26.26 27.77
CA GLY C 12 -23.51 26.09 27.82
C GLY C 12 -23.01 25.58 29.18
N LYS C 13 -23.94 25.08 30.00
CA LYS C 13 -23.58 24.51 31.31
C LYS C 13 -22.57 23.38 31.18
N ASP C 14 -21.59 23.39 32.09
CA ASP C 14 -20.60 22.33 32.17
C ASP C 14 -21.27 21.07 32.69
N ILE C 15 -21.24 20.00 31.89
CA ILE C 15 -21.89 18.74 32.28
C ILE C 15 -20.87 17.61 32.35
N THR C 16 -19.60 17.96 32.59
CA THR C 16 -18.49 17.01 32.42
C THR C 16 -18.67 15.85 33.39
N GLU C 17 -19.09 16.15 34.63
CA GLU C 17 -19.29 15.12 35.64
C GLU C 17 -20.49 14.20 35.36
N GLU C 18 -21.61 14.77 34.88
CA GLU C 18 -22.77 13.96 34.49
C GLU C 18 -22.39 12.93 33.43
N ILE C 19 -21.69 13.38 32.38
CA ILE C 19 -21.28 12.51 31.26
C ILE C 19 -20.41 11.35 31.72
N MET C 20 -19.49 11.61 32.64
CA MET C 20 -18.59 10.57 33.14
C MET C 20 -19.30 9.48 33.98
N SER C 21 -20.48 9.79 34.54
CA SER C 21 -21.33 8.75 35.13
C SER C 21 -22.73 8.74 34.53
N MET D 15 18.81 -21.58 -10.09
CA MET D 15 18.00 -20.37 -10.53
C MET D 15 17.05 -20.60 -11.70
N ALA D 16 15.83 -20.89 -11.32
CA ALA D 16 14.89 -21.29 -12.29
C ALA D 16 13.61 -20.80 -11.66
N SER D 17 13.72 -19.65 -10.97
CA SER D 17 12.59 -18.98 -10.35
C SER D 17 12.10 -17.79 -11.13
N LEU D 18 10.83 -17.88 -11.51
CA LEU D 18 10.14 -16.77 -12.17
C LEU D 18 9.18 -16.08 -11.22
N TYR D 19 9.16 -14.75 -11.31
CA TYR D 19 8.05 -13.93 -10.83
C TYR D 19 7.01 -13.89 -11.96
N VAL D 20 5.74 -14.09 -11.61
CA VAL D 20 4.65 -14.06 -12.60
C VAL D 20 3.63 -13.11 -11.98
N GLY D 21 3.55 -11.89 -12.52
CA GLY D 21 2.70 -10.83 -11.96
C GLY D 21 1.56 -10.40 -12.86
N ASP D 22 0.89 -9.32 -12.45
CA ASP D 22 -0.30 -8.80 -13.09
C ASP D 22 -1.42 -9.87 -13.13
N LEU D 23 -1.47 -10.68 -12.08
CA LEU D 23 -2.47 -11.76 -12.03
C LEU D 23 -3.83 -11.23 -11.63
N HIS D 24 -4.87 -11.79 -12.23
CA HIS D 24 -6.24 -11.65 -11.74
C HIS D 24 -6.28 -12.14 -10.27
N PRO D 25 -7.08 -11.47 -9.40
CA PRO D 25 -7.20 -11.88 -7.99
C PRO D 25 -7.58 -13.36 -7.75
N ASP D 26 -8.27 -13.98 -8.70
CA ASP D 26 -8.73 -15.36 -8.48
C ASP D 26 -7.88 -16.41 -9.16
N VAL D 27 -6.76 -16.02 -9.75
CA VAL D 27 -5.82 -17.00 -10.32
C VAL D 27 -5.20 -17.81 -9.17
N THR D 28 -5.29 -19.14 -9.23
CA THR D 28 -4.77 -20.05 -8.18
C THR D 28 -3.45 -20.69 -8.59
N GLU D 29 -2.78 -21.36 -7.65
CA GLU D 29 -1.56 -22.12 -7.98
C GLU D 29 -1.81 -23.27 -9.01
N ALA D 30 -3.03 -23.84 -8.97
CA ALA D 30 -3.45 -24.93 -9.86
C ALA D 30 -3.55 -24.44 -11.32
N MET D 31 -4.16 -23.26 -11.50
CA MET D 31 -4.16 -22.60 -12.83
C MET D 31 -2.75 -22.30 -13.35
N LEU D 32 -1.89 -21.82 -12.48
CA LEU D 32 -0.50 -21.57 -12.84
C LEU D 32 0.24 -22.86 -13.20
N TYR D 33 0.03 -23.91 -12.42
CA TYR D 33 0.61 -25.20 -12.81
C TYR D 33 0.14 -25.64 -14.18
N GLU D 34 -1.19 -25.59 -14.41
CA GLU D 34 -1.70 -26.01 -15.70
C GLU D 34 -1.08 -25.17 -16.84
N LYS D 35 -0.92 -23.86 -16.61
CA LYS D 35 -0.30 -22.99 -17.60
C LYS D 35 1.19 -23.27 -17.86
N PHE D 36 1.98 -23.45 -16.80
CA PHE D 36 3.43 -23.46 -16.92
C PHE D 36 4.03 -24.85 -17.06
N SER D 37 3.33 -25.85 -16.53
CA SER D 37 3.70 -27.25 -16.66
C SER D 37 4.21 -27.75 -18.07
N PRO D 38 3.57 -27.34 -19.18
CA PRO D 38 4.07 -27.84 -20.46
C PRO D 38 5.50 -27.42 -20.75
N ALA D 39 6.00 -26.35 -20.12
CA ALA D 39 7.38 -25.95 -20.36
C ALA D 39 8.43 -26.89 -19.72
N GLY D 40 8.02 -27.75 -18.80
CA GLY D 40 8.94 -28.69 -18.16
C GLY D 40 8.58 -28.90 -16.66
N PRO D 41 9.30 -29.81 -16.00
CA PRO D 41 8.97 -30.25 -14.64
C PRO D 41 9.08 -29.11 -13.64
N ILE D 42 8.06 -29.00 -12.80
CA ILE D 42 7.92 -27.92 -11.84
C ILE D 42 8.43 -28.40 -10.47
N LEU D 43 9.16 -27.51 -9.80
CA LEU D 43 9.62 -27.74 -8.44
C LEU D 43 8.53 -27.28 -7.48
N SER D 44 8.04 -26.05 -7.63
CA SER D 44 6.97 -25.55 -6.74
C SER D 44 6.37 -24.25 -7.30
N ILE D 45 5.14 -23.93 -6.88
CA ILE D 45 4.44 -22.74 -7.33
C ILE D 45 3.77 -22.11 -6.10
N ARG D 46 3.96 -20.80 -5.93
CA ARG D 46 3.31 -20.14 -4.78
C ARG D 46 2.64 -18.86 -5.24
N VAL D 47 1.34 -18.69 -4.98
CA VAL D 47 0.69 -17.40 -5.19
C VAL D 47 0.86 -16.67 -3.86
N CYS D 48 1.36 -15.44 -3.93
CA CYS D 48 1.56 -14.70 -2.68
C CYS D 48 0.27 -14.05 -2.25
N ARG D 49 -0.02 -14.16 -0.95
CA ARG D 49 -1.29 -13.72 -0.38
CA ARG D 49 -1.28 -13.68 -0.41
C ARG D 49 -1.09 -12.81 0.81
N ASP D 50 -2.11 -11.97 1.07
CA ASP D 50 -2.17 -11.21 2.29
C ASP D 50 -2.28 -12.22 3.46
N MET D 51 -1.50 -11.96 4.49
CA MET D 51 -1.25 -12.85 5.59
C MET D 51 -2.54 -13.47 6.18
N ILE D 52 -3.50 -12.62 6.54
CA ILE D 52 -4.72 -13.10 7.29
C ILE D 52 -5.92 -13.21 6.33
N THR D 53 -6.21 -12.16 5.57
CA THR D 53 -7.38 -12.14 4.66
C THR D 53 -7.21 -13.09 3.45
N ARG D 54 -5.96 -13.48 3.18
CA ARG D 54 -5.61 -14.40 2.09
C ARG D 54 -5.86 -13.82 0.68
N ARG D 55 -6.17 -12.53 0.59
CA ARG D 55 -6.39 -11.88 -0.70
C ARG D 55 -5.11 -12.03 -1.53
N SER D 56 -5.24 -12.41 -2.79
CA SER D 56 -4.04 -12.50 -3.60
C SER D 56 -3.30 -11.18 -3.67
N LEU D 57 -1.97 -11.22 -3.58
CA LEU D 57 -1.16 -10.02 -3.87
C LEU D 57 -0.97 -9.74 -5.36
N GLY D 58 -1.54 -10.58 -6.21
CA GLY D 58 -1.46 -10.26 -7.63
C GLY D 58 -0.22 -10.84 -8.32
N TYR D 59 0.54 -11.67 -7.63
CA TYR D 59 1.71 -12.29 -8.22
C TYR D 59 2.03 -13.64 -7.60
N ALA D 60 2.90 -14.37 -8.30
CA ALA D 60 3.29 -15.72 -7.90
C ALA D 60 4.72 -16.00 -8.19
N TYR D 61 5.26 -17.06 -7.57
CA TYR D 61 6.56 -17.59 -7.96
C TYR D 61 6.31 -18.93 -8.60
N VAL D 62 7.01 -19.17 -9.71
CA VAL D 62 6.96 -20.42 -10.40
C VAL D 62 8.39 -20.89 -10.48
N ASN D 63 8.70 -21.99 -9.77
CA ASN D 63 10.06 -22.53 -9.77
C ASN D 63 10.10 -23.81 -10.59
N PHE D 64 10.91 -23.81 -11.65
CA PHE D 64 11.15 -24.98 -12.50
C PHE D 64 12.34 -25.77 -11.97
N GLN D 65 12.35 -27.07 -12.24
CA GLN D 65 13.50 -27.88 -11.87
C GLN D 65 14.72 -27.48 -12.71
N GLN D 66 14.51 -27.06 -13.95
CA GLN D 66 15.65 -26.76 -14.84
C GLN D 66 15.65 -25.32 -15.30
N PRO D 67 16.79 -24.63 -15.16
CA PRO D 67 16.91 -23.25 -15.65
C PRO D 67 16.46 -23.06 -17.10
N ALA D 68 16.73 -24.03 -17.96
CA ALA D 68 16.35 -23.91 -19.38
C ALA D 68 14.83 -23.95 -19.57
N ASP D 69 14.13 -24.67 -18.69
CA ASP D 69 12.67 -24.71 -18.73
C ASP D 69 12.10 -23.38 -18.32
N ALA D 70 12.61 -22.80 -17.22
CA ALA D 70 12.15 -21.47 -16.72
C ALA D 70 12.41 -20.45 -17.87
N GLU D 71 13.58 -20.57 -18.48
CA GLU D 71 13.88 -19.67 -19.59
C GLU D 71 12.88 -19.82 -20.76
N ARG D 72 12.66 -21.05 -21.23
CA ARG D 72 11.64 -21.32 -22.28
C ARG D 72 10.28 -20.70 -21.91
N ALA D 73 9.86 -20.84 -20.65
CA ALA D 73 8.56 -20.34 -20.21
C ALA D 73 8.52 -18.80 -20.31
N LEU D 74 9.60 -18.18 -19.85
CA LEU D 74 9.70 -16.74 -19.90
C LEU D 74 9.62 -16.24 -21.35
N ASP D 75 10.29 -16.94 -22.25
CA ASP D 75 10.36 -16.52 -23.65
C ASP D 75 9.09 -16.75 -24.42
N THR D 76 8.31 -17.71 -23.97
CA THR D 76 7.31 -18.29 -24.81
C THR D 76 5.89 -17.95 -24.26
N MET D 77 5.81 -17.65 -22.97
CA MET D 77 4.50 -17.53 -22.34
C MET D 77 4.28 -16.13 -21.79
N ASN D 78 5.25 -15.25 -21.96
CA ASN D 78 5.06 -13.91 -21.42
C ASN D 78 3.82 -13.25 -22.03
N PHE D 79 3.02 -12.57 -21.19
CA PHE D 79 1.79 -11.89 -21.64
C PHE D 79 0.66 -12.79 -22.08
N ASP D 80 0.79 -14.11 -21.94
CA ASP D 80 -0.39 -14.96 -22.13
C ASP D 80 -1.51 -14.62 -21.13
N VAL D 81 -2.75 -14.77 -21.55
CA VAL D 81 -3.88 -14.40 -20.74
C VAL D 81 -4.26 -15.53 -19.80
N ILE D 82 -4.44 -15.20 -18.53
CA ILE D 82 -5.04 -16.14 -17.59
C ILE D 82 -6.19 -15.38 -16.94
N LYS D 83 -7.35 -16.01 -16.87
CA LYS D 83 -8.60 -15.37 -16.42
C LYS D 83 -8.73 -13.95 -16.96
N GLY D 84 -8.53 -13.79 -18.27
CA GLY D 84 -8.74 -12.49 -18.91
C GLY D 84 -7.66 -11.43 -18.72
N LYS D 85 -6.60 -11.72 -17.96
CA LYS D 85 -5.53 -10.74 -17.78
C LYS D 85 -4.22 -11.31 -18.23
N PRO D 86 -3.47 -10.53 -19.00
CA PRO D 86 -2.16 -10.97 -19.47
C PRO D 86 -1.14 -11.00 -18.33
N VAL D 87 -0.45 -12.12 -18.15
CA VAL D 87 0.55 -12.25 -17.08
C VAL D 87 1.80 -11.49 -17.50
N ARG D 88 2.62 -11.07 -16.55
CA ARG D 88 3.87 -10.40 -16.86
C ARG D 88 4.97 -11.17 -16.12
N ILE D 89 5.84 -11.82 -16.86
CA ILE D 89 6.83 -12.70 -16.25
C ILE D 89 8.18 -12.00 -16.16
N MET D 90 8.87 -12.17 -15.03
CA MET D 90 10.26 -11.73 -14.92
C MET D 90 11.07 -12.85 -14.28
N TRP D 91 12.40 -12.85 -14.41
CA TRP D 91 13.24 -13.59 -13.45
C TRP D 91 12.97 -13.03 -12.04
N SER D 92 12.96 -13.88 -11.02
CA SER D 92 12.76 -13.42 -9.64
C SER D 92 13.85 -12.43 -9.26
N GLN D 93 13.42 -11.28 -8.72
CA GLN D 93 14.35 -10.32 -8.19
C GLN D 93 13.64 -9.60 -7.06
N ARG D 94 13.77 -10.16 -5.85
CA ARG D 94 13.00 -9.68 -4.69
C ARG D 94 13.51 -8.32 -4.19
N ASP D 95 14.73 -7.93 -4.55
CA ASP D 95 15.23 -6.60 -4.14
C ASP D 95 14.64 -5.54 -5.10
N PRO D 96 13.81 -4.61 -4.57
CA PRO D 96 13.14 -3.70 -5.51
C PRO D 96 13.98 -2.46 -5.90
N SER D 97 15.27 -2.41 -5.54
CA SER D 97 16.02 -1.17 -5.75
C SER D 97 16.02 -0.70 -7.20
N LEU D 98 16.01 -1.64 -8.16
CA LEU D 98 16.13 -1.24 -9.60
C LEU D 98 14.76 -0.74 -10.08
N ARG D 99 13.69 -1.43 -9.65
CA ARG D 99 12.35 -0.93 -9.94
C ARG D 99 12.15 0.44 -9.33
N LYS D 100 12.63 0.63 -8.09
CA LYS D 100 12.61 1.94 -7.46
C LYS D 100 13.43 3.02 -8.21
N SER D 101 14.70 2.78 -8.53
CA SER D 101 15.49 3.85 -9.18
C SER D 101 14.97 4.17 -10.60
N GLY D 102 14.40 3.19 -11.30
CA GLY D 102 13.95 3.39 -12.67
C GLY D 102 15.10 3.49 -13.67
N VAL D 103 16.33 3.14 -13.24
CA VAL D 103 17.50 3.27 -14.14
C VAL D 103 17.41 2.25 -15.28
N GLY D 104 17.36 2.74 -16.52
CA GLY D 104 17.08 1.86 -17.66
C GLY D 104 15.59 1.71 -18.00
N ASN D 105 14.72 2.32 -17.19
CA ASN D 105 13.28 2.19 -17.40
C ASN D 105 12.80 3.37 -18.27
N ILE D 106 12.03 3.08 -19.33
CA ILE D 106 11.53 4.12 -20.22
C ILE D 106 10.00 4.16 -20.25
N PHE D 107 9.47 5.32 -20.59
CA PHE D 107 8.03 5.56 -20.72
C PHE D 107 7.69 5.84 -22.19
N ILE D 108 6.60 5.22 -22.68
CA ILE D 108 6.08 5.45 -24.06
C ILE D 108 4.65 5.93 -23.96
N LYS D 109 4.32 6.96 -24.72
CA LYS D 109 3.01 7.62 -24.70
C LYS D 109 2.47 7.67 -26.14
N ASN D 110 1.13 7.70 -26.28
CA ASN D 110 0.42 7.80 -27.57
C ASN D 110 0.62 6.54 -28.43
N LEU D 111 0.63 5.38 -27.76
CA LEU D 111 0.68 4.10 -28.47
C LEU D 111 -0.64 3.78 -29.13
N ASP D 112 -0.61 3.48 -30.43
CA ASP D 112 -1.81 3.06 -31.13
C ASP D 112 -2.49 1.87 -30.42
N LYS D 113 -3.82 1.88 -30.39
CA LYS D 113 -4.58 0.77 -29.79
C LYS D 113 -4.26 -0.61 -30.38
N SER D 114 -3.71 -0.65 -31.58
CA SER D 114 -3.37 -1.92 -32.23
C SER D 114 -2.15 -2.57 -31.58
N ILE D 115 -1.42 -1.84 -30.74
CA ILE D 115 -0.17 -2.33 -30.20
C ILE D 115 -0.42 -3.03 -28.84
N ASP D 116 -0.04 -4.31 -28.74
CA ASP D 116 -0.21 -5.06 -27.48
C ASP D 116 1.10 -5.37 -26.78
N ASN D 117 1.05 -6.02 -25.61
CA ASN D 117 2.26 -6.27 -24.86
C ASN D 117 3.33 -6.96 -25.66
N LYS D 118 2.99 -8.07 -26.35
CA LYS D 118 4.00 -8.88 -27.06
C LYS D 118 4.65 -8.12 -28.18
N ALA D 119 3.86 -7.30 -28.90
CA ALA D 119 4.38 -6.43 -29.98
C ALA D 119 5.35 -5.37 -29.43
N LEU D 120 5.01 -4.75 -28.29
CA LEU D 120 5.91 -3.79 -27.63
C LEU D 120 7.27 -4.44 -27.26
N TYR D 121 7.16 -5.58 -26.57
CA TYR D 121 8.31 -6.40 -26.21
C TYR D 121 9.19 -6.73 -27.42
N ASP D 122 8.57 -7.29 -28.46
CA ASP D 122 9.31 -7.76 -29.65
C ASP D 122 10.07 -6.66 -30.35
N THR D 123 9.43 -5.52 -30.47
CA THR D 123 10.04 -4.34 -31.04
C THR D 123 11.20 -3.79 -30.19
N PHE D 124 10.90 -3.47 -28.95
CA PHE D 124 11.87 -2.83 -28.06
C PHE D 124 13.00 -3.74 -27.61
N SER D 125 12.81 -5.06 -27.67
CA SER D 125 13.87 -5.99 -27.26
C SER D 125 15.07 -5.86 -28.20
N ALA D 126 14.84 -5.33 -29.39
CA ALA D 126 15.92 -5.09 -30.35
C ALA D 126 16.97 -4.15 -29.77
N PHE D 127 16.60 -3.32 -28.78
CA PHE D 127 17.59 -2.39 -28.24
C PHE D 127 18.43 -2.99 -27.15
N GLY D 128 17.98 -4.10 -26.58
CA GLY D 128 18.61 -4.65 -25.37
C GLY D 128 17.67 -5.55 -24.61
N ASN D 129 18.21 -6.21 -23.60
CA ASN D 129 17.47 -7.20 -22.89
C ASN D 129 16.48 -6.47 -22.01
N ILE D 130 15.24 -6.91 -22.03
CA ILE D 130 14.16 -6.31 -21.23
C ILE D 130 13.92 -7.08 -19.95
N LEU D 131 13.91 -6.38 -18.82
CA LEU D 131 13.61 -6.97 -17.54
C LEU D 131 12.12 -7.04 -17.41
N SER D 132 11.44 -5.97 -17.83
CA SER D 132 9.99 -5.88 -17.69
C SER D 132 9.42 -4.85 -18.61
N CYS D 133 8.33 -5.20 -19.29
CA CYS D 133 7.61 -4.20 -20.03
C CYS D 133 6.12 -4.48 -20.03
N LYS D 134 5.38 -3.45 -20.35
CA LYS D 134 3.95 -3.49 -20.19
C LYS D 134 3.29 -2.35 -20.97
N VAL D 135 2.20 -2.66 -21.67
CA VAL D 135 1.24 -1.66 -22.13
C VAL D 135 0.11 -1.60 -21.12
N VAL D 136 -0.26 -0.43 -20.64
CA VAL D 136 -1.37 -0.42 -19.70
C VAL D 136 -2.74 -0.40 -20.38
N CYS D 137 -3.60 -1.27 -19.86
CA CYS D 137 -4.92 -1.57 -20.42
C CYS D 137 -6.02 -1.42 -19.38
N ASP D 138 -7.24 -1.25 -19.87
CA ASP D 138 -8.47 -1.54 -19.13
C ASP D 138 -9.40 -2.28 -20.10
N GLU D 139 -10.66 -2.48 -19.69
CA GLU D 139 -11.64 -3.23 -20.50
C GLU D 139 -11.87 -2.68 -21.91
N ASN D 140 -11.69 -1.38 -22.09
CA ASN D 140 -11.78 -0.77 -23.43
C ASN D 140 -10.53 -1.02 -24.28
N GLY D 141 -9.52 -1.69 -23.70
CA GLY D 141 -8.28 -2.01 -24.42
C GLY D 141 -7.11 -1.17 -23.93
N SER D 142 -6.11 -0.99 -24.78
CA SER D 142 -4.91 -0.24 -24.39
C SER D 142 -5.25 1.19 -23.99
N LYS D 143 -4.67 1.67 -22.90
CA LYS D 143 -4.81 3.09 -22.56
C LYS D 143 -3.76 3.95 -23.31
N GLY D 144 -2.94 3.33 -24.16
CA GLY D 144 -2.11 4.11 -25.09
C GLY D 144 -0.76 4.57 -24.54
N TYR D 145 -0.32 3.98 -23.43
CA TYR D 145 1.03 4.21 -22.90
C TYR D 145 1.54 2.93 -22.22
N GLY D 146 2.83 2.90 -21.93
CA GLY D 146 3.43 1.73 -21.35
C GLY D 146 4.84 2.01 -20.94
N PHE D 147 5.55 0.96 -20.52
CA PHE D 147 6.89 1.11 -19.95
C PHE D 147 7.73 -0.01 -20.45
N VAL D 148 9.02 0.25 -20.60
CA VAL D 148 9.98 -0.80 -20.84
C VAL D 148 11.22 -0.61 -19.94
N HIS D 149 11.53 -1.61 -19.11
CA HIS D 149 12.70 -1.55 -18.25
C HIS D 149 13.80 -2.42 -18.83
N PHE D 150 14.85 -1.78 -19.32
CA PHE D 150 16.01 -2.45 -19.91
C PHE D 150 17.05 -2.80 -18.85
N GLU D 151 17.80 -3.85 -19.13
CA GLU D 151 18.83 -4.28 -18.20
C GLU D 151 19.92 -3.23 -18.06
N THR D 152 20.27 -2.56 -19.16
CA THR D 152 21.31 -1.54 -19.08
C THR D 152 20.74 -0.17 -19.36
N GLN D 153 21.32 0.83 -18.72
CA GLN D 153 20.90 2.17 -19.07
C GLN D 153 21.26 2.58 -20.50
N GLU D 154 22.30 1.98 -21.07
CA GLU D 154 22.69 2.27 -22.48
C GLU D 154 21.64 1.80 -23.49
N ALA D 155 21.11 0.60 -23.30
CA ALA D 155 19.97 0.14 -24.10
C ALA D 155 18.79 1.13 -24.04
N ALA D 156 18.45 1.59 -22.83
CA ALA D 156 17.36 2.56 -22.65
C ALA D 156 17.65 3.82 -23.45
N GLU D 157 18.89 4.29 -23.41
CA GLU D 157 19.26 5.53 -24.13
C GLU D 157 19.15 5.39 -25.64
N ARG D 158 19.50 4.22 -26.18
CA ARG D 158 19.37 3.95 -27.63
C ARG D 158 17.90 3.88 -28.07
N ALA D 159 17.06 3.28 -27.22
CA ALA D 159 15.64 3.18 -27.47
C ALA D 159 14.99 4.56 -27.44
N ILE D 160 15.35 5.41 -26.47
CA ILE D 160 14.82 6.77 -26.43
C ILE D 160 15.25 7.57 -27.66
N GLU D 161 16.53 7.53 -27.96
CA GLU D 161 17.03 8.36 -29.05
C GLU D 161 16.50 7.90 -30.45
N LYS D 162 16.38 6.60 -30.67
CA LYS D 162 15.91 6.03 -31.94
C LYS D 162 14.37 6.03 -32.12
N MET D 163 13.60 5.98 -31.05
CA MET D 163 12.13 5.76 -31.16
C MET D 163 11.26 6.98 -30.85
N ASN D 164 11.80 7.94 -30.09
CA ASN D 164 11.04 9.12 -29.78
C ASN D 164 10.65 9.85 -31.05
N GLY D 165 9.37 10.22 -31.17
CA GLY D 165 8.86 10.92 -32.36
C GLY D 165 8.61 10.02 -33.57
N MET D 166 8.91 8.74 -33.47
CA MET D 166 8.66 7.83 -34.59
C MET D 166 7.14 7.53 -34.68
N LEU D 167 6.68 7.12 -35.85
CA LEU D 167 5.33 6.62 -36.00
C LEU D 167 5.39 5.14 -35.82
N LEU D 168 4.58 4.68 -34.89
CA LEU D 168 4.43 3.30 -34.53
C LEU D 168 3.03 2.90 -34.96
N ASN D 169 2.94 2.07 -36.00
CA ASN D 169 1.64 1.73 -36.61
C ASN D 169 0.87 3.01 -36.91
N ASP D 170 1.58 3.98 -37.46
CA ASP D 170 1.01 5.23 -38.00
C ASP D 170 0.67 6.31 -36.99
N ARG D 171 0.89 6.04 -35.70
CA ARG D 171 0.67 7.02 -34.65
C ARG D 171 2.02 7.42 -34.00
N LYS D 172 2.27 8.72 -33.99
CA LYS D 172 3.52 9.28 -33.48
C LYS D 172 3.60 9.13 -31.98
N VAL D 173 4.70 8.55 -31.51
CA VAL D 173 4.91 8.30 -30.07
C VAL D 173 5.92 9.25 -29.43
N PHE D 174 5.75 9.42 -28.13
CA PHE D 174 6.76 10.01 -27.26
C PHE D 174 7.42 8.86 -26.49
N VAL D 175 8.75 8.90 -26.45
CA VAL D 175 9.52 7.94 -25.69
C VAL D 175 10.58 8.73 -24.91
N GLY D 176 10.64 8.51 -23.60
CA GLY D 176 11.64 9.19 -22.74
C GLY D 176 11.87 8.39 -21.46
N ARG D 177 12.76 8.90 -20.59
CA ARG D 177 13.03 8.31 -19.27
CA ARG D 177 13.01 8.27 -19.30
C ARG D 177 11.74 8.26 -18.45
N PHE D 178 11.50 7.12 -17.79
CA PHE D 178 10.35 7.00 -16.88
C PHE D 178 10.52 8.02 -15.75
N LYS D 179 9.43 8.69 -15.40
CA LYS D 179 9.46 9.57 -14.25
C LYS D 179 8.34 9.13 -13.32
N SER D 180 8.68 8.93 -12.06
CA SER D 180 7.71 8.53 -11.08
C SER D 180 6.73 9.66 -10.88
N ARG D 181 5.63 9.34 -10.21
CA ARG D 181 4.58 10.28 -9.95
C ARG D 181 5.09 11.46 -9.12
N LYS D 182 5.79 11.20 -8.02
CA LYS D 182 6.28 12.32 -7.18
C LYS D 182 7.34 13.15 -7.90
N GLU D 183 8.16 12.49 -8.70
CA GLU D 183 9.17 13.12 -9.56
C GLU D 183 8.56 14.14 -10.53
N ARG D 184 7.37 13.85 -11.03
CA ARG D 184 6.66 14.75 -11.94
C ARG D 184 5.83 15.80 -11.23
N GLU D 185 5.39 15.48 -10.01
CA GLU D 185 4.67 16.46 -9.20
C GLU D 185 5.62 17.59 -8.82
N ALA D 186 6.89 17.23 -8.61
CA ALA D 186 7.97 18.18 -8.34
C ALA D 186 8.37 19.00 -9.58
N GLU D 187 8.02 18.51 -10.77
CA GLU D 187 8.29 19.25 -12.01
C GLU D 187 7.21 20.28 -12.36
N LEU D 188 5.95 19.96 -12.04
CA LEU D 188 4.81 20.86 -12.30
C LEU D 188 5.00 22.27 -11.71
N THR F 2 5.80 -7.24 -35.93
CA THR F 2 4.61 -6.62 -36.57
C THR F 2 4.49 -5.10 -36.42
N ILE F 3 4.97 -4.46 -35.32
CA ILE F 3 4.91 -2.99 -35.28
C ILE F 3 5.70 -2.37 -36.45
N ARG F 4 5.00 -1.59 -37.26
CA ARG F 4 5.66 -0.85 -38.37
C ARG F 4 6.14 0.50 -37.83
N ILE F 5 7.40 0.80 -38.06
CA ILE F 5 8.00 2.01 -37.53
C ILE F 5 8.20 2.93 -38.72
N ARG F 6 7.61 4.13 -38.71
CA ARG F 6 7.91 5.11 -39.77
C ARG F 6 8.52 6.38 -39.20
N ASP F 7 9.43 6.97 -39.97
CA ASP F 7 10.14 8.18 -39.56
C ASP F 7 9.59 9.45 -40.24
N PRO F 8 8.93 10.32 -39.47
CA PRO F 8 8.45 11.60 -40.00
C PRO F 8 9.58 12.45 -40.60
N ASN F 9 10.74 12.47 -39.95
CA ASN F 9 11.91 13.27 -40.40
C ASN F 9 12.52 12.80 -41.72
N GLN F 10 11.99 11.66 -42.26
CA GLN F 10 12.48 11.14 -43.55
C GLN F 10 11.32 10.83 -44.55
N GLY F 11 10.36 11.85 -44.60
CA GLY F 11 9.18 11.71 -45.50
C GLY F 11 8.37 10.52 -45.22
N GLY F 12 8.48 10.01 -43.86
CA GLY F 12 7.60 8.88 -43.48
C GLY F 12 8.02 7.56 -44.00
N LYS F 13 9.26 7.35 -44.53
CA LYS F 13 9.83 5.97 -44.92
C LYS F 13 9.66 4.95 -43.75
N ASP F 14 9.26 3.71 -44.11
CA ASP F 14 9.15 2.59 -43.14
C ASP F 14 10.56 2.06 -42.86
N ILE F 15 11.03 2.24 -41.64
CA ILE F 15 12.40 1.83 -41.30
C ILE F 15 12.43 0.66 -40.36
N THR F 16 11.31 -0.07 -40.28
CA THR F 16 11.18 -1.18 -39.34
C THR F 16 12.45 -2.04 -39.41
N GLU F 17 12.87 -2.39 -40.63
CA GLU F 17 14.06 -3.22 -40.84
C GLU F 17 15.36 -2.60 -40.34
N GLU F 18 15.62 -1.36 -40.75
CA GLU F 18 16.77 -0.58 -40.29
C GLU F 18 16.94 -0.63 -38.76
N ILE F 19 15.82 -0.50 -38.03
CA ILE F 19 15.84 -0.49 -36.56
C ILE F 19 16.26 -1.83 -35.95
N MET F 20 15.56 -2.90 -36.31
CA MET F 20 15.93 -4.26 -35.87
C MET F 20 17.31 -4.66 -36.43
N SER F 21 18.36 -4.28 -35.70
CA SER F 21 19.77 -4.36 -36.14
C SER F 21 20.17 -3.18 -37.02
#